data_3L4E
#
_entry.id   3L4E
#
_cell.length_a   67.821
_cell.length_b   67.821
_cell.length_c   155.169
_cell.angle_alpha   90.00
_cell.angle_beta   90.00
_cell.angle_gamma   120.00
#
_symmetry.space_group_name_H-M   'P 65 2 2'
#
loop_
_entity.id
_entity.type
_entity.pdbx_description
1 polymer 'Uncharacterized peptidase Lmo0363'
2 non-polymer 'SULFATE ION'
3 water water
#
_entity_poly.entity_id   1
_entity_poly.type   'polypeptide(L)'
_entity_poly.pdbx_seq_one_letter_code
;A(MSE)KNLFLTSSFKDVVPLFTEFESNLQGKTVTFIPTASTVEEVTFYVEAGKKALESLGLLVEELDIATESLGEITTK
LRKNDFIYVTGGNTFFLLQELKRTGADKLILEEIAAGKLYIGESAGAVITSPNIAYIQT(MSE)DSTKKAVNLTNYDALN
LVDFSTLPHYNNTPFKEITQKIVTEYAGKSQIYPISNHEAIFIRGKEVITKRLS
;
_entity_poly.pdbx_strand_id   A
#
# COMPACT_ATOMS: atom_id res chain seq x y z
N ALA A 1 -3.91 -13.68 11.86
CA ALA A 1 -5.02 -13.69 12.80
C ALA A 1 -5.98 -12.56 12.45
N LYS A 3 -6.87 -8.90 10.51
CA LYS A 3 -6.56 -8.34 9.20
C LYS A 3 -7.36 -7.06 8.97
N ASN A 4 -6.72 -5.93 9.25
CA ASN A 4 -7.33 -4.62 9.08
C ASN A 4 -6.57 -3.86 8.00
N LEU A 5 -7.18 -3.73 6.82
CA LEU A 5 -6.53 -3.13 5.67
C LEU A 5 -7.43 -2.09 5.04
N PHE A 6 -6.83 -1.00 4.57
CA PHE A 6 -7.53 0.00 3.78
C PHE A 6 -6.74 0.13 2.49
N LEU A 7 -7.34 -0.29 1.37
CA LEU A 7 -6.62 -0.27 0.08
C LEU A 7 -7.19 0.82 -0.84
N THR A 8 -6.30 1.51 -1.54
CA THR A 8 -6.71 2.67 -2.33
C THR A 8 -5.80 2.81 -3.55
N SER A 9 -6.28 3.50 -4.58
CA SER A 9 -5.45 3.87 -5.73
C SER A 9 -4.74 5.19 -5.47
N SER A 10 -5.34 6.01 -4.60
CA SER A 10 -4.93 7.39 -4.43
C SER A 10 -5.46 7.88 -3.10
N PHE A 11 -4.64 7.83 -2.06
CA PHE A 11 -5.12 8.13 -0.73
C PHE A 11 -5.74 9.53 -0.66
N LYS A 12 -5.12 10.48 -1.34
CA LYS A 12 -5.59 11.86 -1.26
C LYS A 12 -6.99 12.02 -1.87
N ASP A 13 -7.42 11.06 -2.67
CA ASP A 13 -8.73 11.13 -3.31
C ASP A 13 -9.84 10.48 -2.48
N VAL A 14 -9.46 9.77 -1.42
CA VAL A 14 -10.46 9.05 -0.62
C VAL A 14 -10.31 9.27 0.89
N VAL A 15 -9.80 10.42 1.28
CA VAL A 15 -9.63 10.73 2.69
C VAL A 15 -10.92 10.52 3.51
N PRO A 16 -12.07 11.00 3.00
CA PRO A 16 -13.29 10.78 3.79
C PRO A 16 -13.66 9.30 3.96
N LEU A 17 -13.30 8.45 3.00
CA LEU A 17 -13.56 7.02 3.17
C LEU A 17 -12.67 6.47 4.28
N PHE A 18 -11.46 7.00 4.38
CA PHE A 18 -10.57 6.58 5.47
C PHE A 18 -11.12 6.98 6.84
N THR A 19 -11.62 8.21 6.97
CA THR A 19 -12.17 8.65 8.25
C THR A 19 -13.47 7.91 8.59
N GLU A 20 -14.20 7.46 7.57
CA GLU A 20 -15.32 6.56 7.80
C GLU A 20 -14.82 5.20 8.32
N PHE A 21 -13.72 4.73 7.75
CA PHE A 21 -13.15 3.43 8.10
C PHE A 21 -12.61 3.38 9.55
N GLU A 22 -11.88 4.43 9.94
CA GLU A 22 -11.17 4.46 11.23
C GLU A 22 -11.41 5.74 12.04
N SER A 23 -11.84 5.60 13.29
CA SER A 23 -12.13 6.76 14.17
C SER A 23 -10.99 7.15 15.12
N ASN A 24 -11.20 8.28 15.82
CA ASN A 24 -10.27 8.77 16.84
C ASN A 24 -8.81 8.78 16.41
N LEU A 25 -8.55 9.43 15.29
CA LEU A 25 -7.24 9.45 14.69
C LEU A 25 -6.26 10.39 15.37
N GLN A 26 -6.76 11.44 16.02
N GLN A 26 -6.76 11.44 16.02
CA GLN A 26 -5.91 12.49 16.57
CA GLN A 26 -5.91 12.47 16.58
C GLN A 26 -4.82 11.93 17.49
C GLN A 26 -4.82 11.90 17.48
N GLY A 27 -3.56 12.23 17.17
CA GLY A 27 -2.44 11.83 17.98
C GLY A 27 -1.90 10.44 17.72
N LYS A 28 -2.58 9.67 16.87
CA LYS A 28 -2.08 8.35 16.53
C LYS A 28 -0.92 8.47 15.55
N THR A 29 -0.06 7.46 15.52
CA THR A 29 1.17 7.53 14.75
C THR A 29 1.17 6.57 13.57
N VAL A 30 1.86 6.97 12.50
CA VAL A 30 1.88 6.20 11.27
C VAL A 30 3.31 5.94 10.83
N THR A 31 3.65 4.67 10.59
CA THR A 31 4.88 4.33 9.89
C THR A 31 4.59 4.51 8.40
N PHE A 32 5.24 5.51 7.81
CA PHE A 32 4.95 5.95 6.45
C PHE A 32 6.10 5.50 5.56
N ILE A 33 5.81 4.56 4.65
CA ILE A 33 6.83 3.92 3.82
C ILE A 33 6.72 4.38 2.37
N PRO A 34 7.63 5.28 1.93
CA PRO A 34 7.58 5.84 0.57
C PRO A 34 8.53 5.12 -0.39
N THR A 35 9.06 3.98 0.02
CA THR A 35 10.06 3.24 -0.75
C THR A 35 9.71 3.01 -2.23
N ALA A 36 8.47 2.65 -2.52
CA ALA A 36 8.09 2.38 -3.91
C ALA A 36 8.32 3.60 -4.79
N SER A 37 8.14 4.79 -4.20
CA SER A 37 8.20 6.03 -4.96
C SER A 37 9.62 6.50 -5.24
N THR A 38 10.60 5.92 -4.56
CA THR A 38 11.97 6.45 -4.62
C THR A 38 12.68 6.21 -5.94
N VAL A 39 12.12 5.32 -6.76
CA VAL A 39 12.68 5.04 -8.09
C VAL A 39 11.78 5.60 -9.18
N GLU A 40 10.76 6.35 -8.78
CA GLU A 40 9.81 6.93 -9.71
C GLU A 40 10.16 8.38 -10.00
N GLU A 41 9.78 8.85 -11.17
CA GLU A 41 10.16 10.18 -11.64
C GLU A 41 9.09 11.25 -11.42
N VAL A 42 7.84 10.81 -11.21
CA VAL A 42 6.75 11.74 -10.91
C VAL A 42 6.02 11.23 -9.67
N THR A 43 6.08 12.00 -8.58
CA THR A 43 5.67 11.47 -7.28
C THR A 43 4.78 12.37 -6.42
N PHE A 44 3.89 13.13 -7.05
CA PHE A 44 3.00 14.02 -6.31
C PHE A 44 2.20 13.32 -5.22
N TYR A 45 1.89 12.05 -5.42
CA TYR A 45 1.04 11.33 -4.47
C TYR A 45 1.69 11.17 -3.10
N VAL A 46 3.02 11.19 -3.04
CA VAL A 46 3.71 11.01 -1.77
C VAL A 46 3.39 12.14 -0.80
N GLU A 47 3.71 13.38 -1.17
CA GLU A 47 3.41 14.50 -0.29
C GLU A 47 1.91 14.69 -0.10
N ALA A 48 1.13 14.45 -1.16
CA ALA A 48 -0.31 14.62 -1.04
C ALA A 48 -0.87 13.67 0.02
N GLY A 49 -0.36 12.44 0.04
CA GLY A 49 -0.80 11.49 1.04
C GLY A 49 -0.31 11.86 2.43
N LYS A 50 0.95 12.27 2.54
CA LYS A 50 1.50 12.65 3.84
C LYS A 50 0.75 13.83 4.45
N LYS A 51 0.51 14.86 3.64
CA LYS A 51 -0.22 16.03 4.13
C LYS A 51 -1.66 15.68 4.49
N ALA A 52 -2.26 14.74 3.76
CA ALA A 52 -3.63 14.31 4.07
C ALA A 52 -3.67 13.64 5.42
N LEU A 53 -2.72 12.74 5.67
CA LEU A 53 -2.63 12.10 6.99
C LEU A 53 -2.48 13.16 8.08
N GLU A 54 -1.59 14.12 7.86
CA GLU A 54 -1.33 15.16 8.85
C GLU A 54 -2.57 16.02 9.11
N SER A 55 -3.37 16.21 8.08
CA SER A 55 -4.60 17.01 8.22
C SER A 55 -5.63 16.30 9.10
N LEU A 56 -5.41 15.00 9.34
CA LEU A 56 -6.33 14.22 10.17
C LEU A 56 -5.85 14.17 11.61
N GLY A 57 -4.71 14.81 11.87
CA GLY A 57 -4.14 14.82 13.21
C GLY A 57 -3.23 13.64 13.49
N LEU A 58 -2.81 12.94 12.44
CA LEU A 58 -1.90 11.82 12.58
C LEU A 58 -0.45 12.31 12.63
N LEU A 59 0.38 11.60 13.40
CA LEU A 59 1.82 11.88 13.46
C LEU A 59 2.52 10.92 12.50
N VAL A 60 3.13 11.48 11.47
CA VAL A 60 3.71 10.68 10.40
C VAL A 60 5.21 10.49 10.62
N GLU A 61 5.65 9.25 10.65
N GLU A 61 5.65 9.25 10.71
CA GLU A 61 7.06 8.91 10.82
CA GLU A 61 7.07 8.94 10.80
C GLU A 61 7.58 8.10 9.63
C GLU A 61 7.50 8.16 9.57
N GLU A 62 8.49 8.69 8.87
CA GLU A 62 9.01 8.03 7.67
C GLU A 62 9.92 6.84 7.95
N LEU A 63 9.76 5.80 7.14
CA LEU A 63 10.60 4.62 7.18
C LEU A 63 10.88 4.18 5.76
N ASP A 64 12.10 4.38 5.29
CA ASP A 64 12.50 3.89 3.95
C ASP A 64 13.18 2.54 4.11
N ILE A 65 12.44 1.48 3.78
CA ILE A 65 12.95 0.11 3.82
C ILE A 65 14.25 -0.06 3.06
N ALA A 66 14.45 0.74 2.03
CA ALA A 66 15.62 0.59 1.16
C ALA A 66 16.92 1.02 1.83
N THR A 67 16.83 1.86 2.86
CA THR A 67 18.03 2.48 3.42
C THR A 67 18.24 2.29 4.93
N GLU A 68 17.19 1.93 5.66
CA GLU A 68 17.31 1.84 7.12
C GLU A 68 17.61 0.43 7.64
N SER A 69 18.32 0.37 8.76
CA SER A 69 18.69 -0.90 9.39
C SER A 69 17.45 -1.71 9.75
N LEU A 70 17.62 -3.01 9.94
CA LEU A 70 16.50 -3.83 10.37
C LEU A 70 16.06 -3.45 11.77
N GLY A 71 17.00 -2.96 12.56
CA GLY A 71 16.69 -2.49 13.90
C GLY A 71 15.65 -1.39 13.86
N GLU A 72 15.86 -0.41 12.98
CA GLU A 72 14.97 0.72 12.85
C GLU A 72 13.64 0.30 12.24
N ILE A 73 13.69 -0.61 11.27
CA ILE A 73 12.50 -1.11 10.61
C ILE A 73 11.63 -1.85 11.64
N THR A 74 12.26 -2.74 12.40
CA THR A 74 11.55 -3.51 13.42
C THR A 74 10.92 -2.59 14.47
N THR A 75 11.71 -1.64 14.96
CA THR A 75 11.27 -0.73 16.00
C THR A 75 10.08 0.13 15.59
N LYS A 76 10.21 0.80 14.45
CA LYS A 76 9.14 1.68 13.97
C LYS A 76 7.85 0.91 13.71
N LEU A 77 7.97 -0.21 13.00
CA LEU A 77 6.81 -1.04 12.72
C LEU A 77 6.07 -1.46 14.00
N ARG A 78 6.84 -1.76 15.05
CA ARG A 78 6.28 -2.18 16.32
C ARG A 78 5.68 -1.02 17.11
N LYS A 79 6.33 0.13 17.04
CA LYS A 79 5.94 1.27 17.87
C LYS A 79 4.66 1.96 17.39
N ASN A 80 4.57 2.22 16.10
CA ASN A 80 3.51 3.07 15.59
C ASN A 80 2.19 2.34 15.35
N ASP A 81 1.10 3.10 15.41
CA ASP A 81 -0.24 2.55 15.38
C ASP A 81 -0.62 1.98 14.02
N PHE A 82 -0.23 2.68 12.95
CA PHE A 82 -0.62 2.30 11.59
C PHE A 82 0.59 2.11 10.71
N ILE A 83 0.41 1.37 9.63
CA ILE A 83 1.43 1.23 8.59
C ILE A 83 0.84 1.78 7.30
N TYR A 84 1.57 2.67 6.62
CA TYR A 84 1.08 3.27 5.37
C TYR A 84 2.16 3.09 4.31
N VAL A 85 1.76 2.55 3.17
CA VAL A 85 2.70 2.30 2.08
C VAL A 85 2.25 3.11 0.86
N THR A 86 3.11 4.04 0.41
CA THR A 86 2.78 4.90 -0.71
C THR A 86 2.83 4.14 -2.03
N GLY A 87 2.22 4.73 -3.07
CA GLY A 87 2.36 4.22 -4.41
C GLY A 87 3.80 4.33 -4.92
N GLY A 88 4.03 3.82 -6.12
CA GLY A 88 5.33 3.87 -6.75
C GLY A 88 5.54 2.60 -7.55
N ASN A 89 6.79 2.17 -7.67
CA ASN A 89 7.09 0.94 -8.40
C ASN A 89 6.89 -0.27 -7.50
N THR A 90 5.90 -1.10 -7.83
CA THR A 90 5.55 -2.24 -6.99
C THR A 90 6.70 -3.23 -6.88
N PHE A 91 7.44 -3.43 -7.98
CA PHE A 91 8.53 -4.41 -7.96
C PHE A 91 9.68 -3.97 -7.05
N PHE A 92 10.04 -2.69 -7.11
CA PHE A 92 11.09 -2.20 -6.24
C PHE A 92 10.66 -2.30 -4.77
N LEU A 93 9.42 -1.92 -4.49
CA LEU A 93 8.85 -2.06 -3.15
C LEU A 93 8.96 -3.50 -2.63
N LEU A 94 8.46 -4.46 -3.40
CA LEU A 94 8.48 -5.85 -2.95
C LEU A 94 9.92 -6.34 -2.80
N GLN A 95 10.77 -5.93 -3.73
CA GLN A 95 12.18 -6.29 -3.66
C GLN A 95 12.81 -5.87 -2.34
N GLU A 96 12.57 -4.63 -1.94
CA GLU A 96 13.19 -4.12 -0.71
C GLU A 96 12.56 -4.74 0.55
N LEU A 97 11.26 -4.98 0.52
CA LEU A 97 10.61 -5.69 1.62
C LEU A 97 11.16 -7.11 1.80
N LYS A 98 11.36 -7.82 0.69
CA LYS A 98 11.92 -9.16 0.80
C LYS A 98 13.39 -9.16 1.23
N ARG A 99 14.18 -8.25 0.66
CA ARG A 99 15.61 -8.17 0.96
C ARG A 99 15.88 -8.00 2.45
N THR A 100 15.02 -7.24 3.12
CA THR A 100 15.22 -6.93 4.53
C THR A 100 14.50 -7.90 5.43
N GLY A 101 13.61 -8.70 4.84
CA GLY A 101 12.76 -9.59 5.63
C GLY A 101 11.64 -8.81 6.30
N ALA A 102 11.39 -7.58 5.84
CA ALA A 102 10.36 -6.74 6.45
C ALA A 102 8.96 -7.13 6.01
N ASP A 103 8.84 -7.84 4.90
CA ASP A 103 7.54 -8.37 4.51
C ASP A 103 6.98 -9.18 5.68
N LYS A 104 7.82 -10.01 6.28
N LYS A 104 7.85 -9.93 6.35
CA LYS A 104 7.35 -10.93 7.33
CA LYS A 104 7.48 -10.74 7.50
C LYS A 104 6.93 -10.18 8.59
C LYS A 104 7.02 -9.88 8.68
N LEU A 105 7.59 -9.05 8.86
N LEU A 105 7.74 -8.79 8.93
CA LEU A 105 7.23 -8.26 10.03
CA LEU A 105 7.44 -7.91 10.06
C LEU A 105 5.92 -7.49 9.81
C LEU A 105 6.11 -7.18 9.87
N ILE A 106 5.77 -6.91 8.62
CA ILE A 106 4.51 -6.26 8.31
C ILE A 106 3.36 -7.25 8.53
N LEU A 107 3.53 -8.48 8.06
CA LEU A 107 2.50 -9.50 8.26
C LEU A 107 2.25 -9.75 9.74
N GLU A 108 3.32 -9.81 10.53
CA GLU A 108 3.17 -10.03 11.98
C GLU A 108 2.36 -8.91 12.64
N GLU A 109 2.68 -7.66 12.29
CA GLU A 109 1.97 -6.52 12.86
C GLU A 109 0.49 -6.54 12.48
N ILE A 110 0.20 -6.81 11.21
CA ILE A 110 -1.17 -6.92 10.76
C ILE A 110 -1.90 -8.02 11.52
N ALA A 111 -1.24 -9.15 11.71
CA ALA A 111 -1.86 -10.26 12.44
C ALA A 111 -2.16 -9.87 13.89
N ALA A 112 -1.38 -8.95 14.43
CA ALA A 112 -1.57 -8.47 15.80
C ALA A 112 -2.61 -7.37 15.90
N GLY A 113 -3.19 -6.98 14.76
CA GLY A 113 -4.26 -6.00 14.75
C GLY A 113 -3.92 -4.63 14.17
N LYS A 114 -2.68 -4.44 13.74
CA LYS A 114 -2.25 -3.15 13.22
C LYS A 114 -2.89 -2.82 11.87
N LEU A 115 -3.39 -1.60 11.72
CA LEU A 115 -4.00 -1.15 10.47
C LEU A 115 -2.95 -0.91 9.39
N TYR A 116 -3.17 -1.53 8.23
CA TYR A 116 -2.32 -1.37 7.06
C TYR A 116 -3.06 -0.55 5.99
N ILE A 117 -2.44 0.55 5.57
CA ILE A 117 -3.00 1.39 4.50
C ILE A 117 -2.09 1.22 3.28
N GLY A 118 -2.67 0.70 2.20
CA GLY A 118 -1.87 0.46 1.01
C GLY A 118 -2.36 1.23 -0.19
N GLU A 119 -1.49 2.09 -0.73
CA GLU A 119 -1.83 2.92 -1.87
C GLU A 119 -1.18 2.42 -3.15
N SER A 120 -1.99 2.11 -4.16
N SER A 120 -1.98 2.11 -4.15
CA SER A 120 -1.50 1.61 -5.44
CA SER A 120 -1.49 1.64 -5.46
C SER A 120 -0.51 0.46 -5.24
C SER A 120 -0.52 0.46 -5.29
N ALA A 121 0.77 0.68 -5.53
CA ALA A 121 1.79 -0.35 -5.27
C ALA A 121 1.61 -1.00 -3.88
N GLY A 122 1.27 -0.18 -2.89
CA GLY A 122 1.10 -0.69 -1.53
C GLY A 122 -0.14 -1.56 -1.39
N ALA A 123 -1.13 -1.36 -2.26
CA ALA A 123 -2.27 -2.27 -2.35
C ALA A 123 -1.93 -3.52 -3.15
N VAL A 124 -1.20 -3.33 -4.25
CA VAL A 124 -0.88 -4.46 -5.12
C VAL A 124 -0.11 -5.55 -4.34
N ILE A 125 0.80 -5.15 -3.46
CA ILE A 125 1.58 -6.17 -2.72
C ILE A 125 0.78 -7.00 -1.71
N THR A 126 -0.48 -6.64 -1.47
CA THR A 126 -1.33 -7.48 -0.62
C THR A 126 -1.81 -8.74 -1.35
N SER A 127 -1.69 -8.76 -2.67
CA SER A 127 -2.10 -9.89 -3.49
C SER A 127 -1.17 -11.09 -3.35
N PRO A 128 -1.57 -12.23 -3.90
CA PRO A 128 -0.67 -13.40 -3.86
C PRO A 128 0.61 -13.20 -4.68
N ASN A 129 0.53 -12.46 -5.77
CA ASN A 129 1.65 -12.37 -6.72
C ASN A 129 1.48 -11.14 -7.61
N ILE A 130 2.54 -10.36 -7.77
CA ILE A 130 2.41 -9.06 -8.43
C ILE A 130 2.75 -9.07 -9.93
N ALA A 131 2.91 -10.24 -10.52
CA ALA A 131 3.26 -10.31 -11.93
C ALA A 131 2.28 -9.52 -12.80
N TYR A 132 1.01 -9.53 -12.42
CA TYR A 132 -0.03 -8.89 -13.22
C TYR A 132 0.15 -7.38 -13.38
N ILE A 133 0.97 -6.77 -12.53
CA ILE A 133 1.13 -5.32 -12.55
C ILE A 133 2.29 -4.86 -13.44
N GLN A 134 2.98 -5.81 -14.09
CA GLN A 134 4.19 -5.49 -14.84
C GLN A 134 4.03 -4.57 -16.05
N THR A 135 2.82 -4.45 -16.59
CA THR A 135 2.59 -3.50 -17.67
C THR A 135 2.35 -2.08 -17.14
N ASP A 137 3.99 -1.06 -13.94
CA ASP A 137 5.24 -0.73 -13.28
C ASP A 137 6.38 -1.54 -13.89
N SER A 138 7.46 -0.87 -14.28
CA SER A 138 8.57 -1.56 -14.94
C SER A 138 9.44 -2.43 -14.00
N THR A 139 9.70 -3.67 -14.42
CA THR A 139 10.55 -4.57 -13.65
C THR A 139 12.02 -4.19 -13.75
N LYS A 140 12.37 -3.29 -14.68
CA LYS A 140 13.74 -2.83 -14.83
C LYS A 140 14.27 -2.20 -13.55
N LYS A 141 13.36 -1.72 -12.71
CA LYS A 141 13.76 -1.01 -11.50
C LYS A 141 13.99 -1.94 -10.31
N ALA A 142 13.76 -3.23 -10.52
CA ALA A 142 13.98 -4.22 -9.47
C ALA A 142 14.91 -5.31 -9.99
N VAL A 143 16.23 -5.06 -9.90
CA VAL A 143 17.19 -5.94 -10.55
C VAL A 143 17.53 -7.18 -9.75
N ASN A 144 16.99 -7.29 -8.53
CA ASN A 144 17.28 -8.40 -7.64
C ASN A 144 16.09 -9.31 -7.34
N LEU A 145 14.88 -8.82 -7.59
CA LEU A 145 13.68 -9.55 -7.21
C LEU A 145 13.43 -10.73 -8.15
N THR A 146 13.54 -11.95 -7.63
CA THR A 146 13.49 -13.15 -8.47
C THR A 146 12.17 -13.90 -8.45
N ASN A 147 11.28 -13.50 -7.56
CA ASN A 147 10.00 -14.16 -7.39
C ASN A 147 8.96 -13.08 -7.08
N TYR A 148 7.85 -13.07 -7.80
CA TYR A 148 6.88 -12.01 -7.64
C TYR A 148 5.79 -12.31 -6.61
N ASP A 149 5.92 -13.43 -5.90
CA ASP A 149 5.01 -13.73 -4.80
C ASP A 149 5.06 -12.63 -3.75
N ALA A 150 3.90 -12.18 -3.29
CA ALA A 150 3.82 -11.03 -2.40
C ALA A 150 3.26 -11.37 -1.01
N LEU A 151 2.61 -10.41 -0.36
CA LEU A 151 2.16 -10.62 1.03
C LEU A 151 1.07 -11.67 1.14
N ASN A 152 0.28 -11.82 0.08
CA ASN A 152 -0.74 -12.87 0.06
C ASN A 152 -1.70 -12.71 1.24
N LEU A 153 -2.05 -11.46 1.55
CA LEU A 153 -2.99 -11.17 2.62
C LEU A 153 -4.42 -11.43 2.18
N VAL A 154 -4.69 -11.24 0.90
CA VAL A 154 -6.00 -11.48 0.35
C VAL A 154 -5.88 -12.36 -0.88
N ASP A 155 -6.93 -13.06 -1.21
CA ASP A 155 -6.88 -13.97 -2.35
C ASP A 155 -6.99 -13.19 -3.65
N PHE A 156 -7.44 -11.94 -3.57
CA PHE A 156 -7.64 -11.14 -4.76
C PHE A 156 -6.47 -10.23 -5.13
N SER A 157 -6.45 -9.81 -6.39
CA SER A 157 -5.36 -9.00 -6.95
C SER A 157 -5.84 -7.58 -7.27
N THR A 158 -5.57 -6.65 -6.37
CA THR A 158 -6.06 -5.29 -6.50
C THR A 158 -5.44 -4.60 -7.71
N LEU A 159 -6.30 -4.00 -8.54
CA LEU A 159 -5.84 -3.30 -9.74
C LEU A 159 -6.20 -1.83 -9.63
N PRO A 160 -5.21 -0.99 -9.29
CA PRO A 160 -5.53 0.42 -9.01
C PRO A 160 -5.61 1.26 -10.26
N HIS A 161 -6.20 2.45 -10.10
CA HIS A 161 -6.46 3.37 -11.20
C HIS A 161 -7.34 2.74 -12.28
N TYR A 162 -8.24 1.83 -11.91
CA TYR A 162 -9.02 1.08 -12.90
C TYR A 162 -9.87 1.97 -13.80
N ASN A 163 -9.70 1.80 -15.11
CA ASN A 163 -10.41 2.60 -16.10
C ASN A 163 -10.25 4.10 -15.84
N ASN A 164 -9.17 4.45 -15.16
CA ASN A 164 -8.79 5.84 -14.91
C ASN A 164 -7.61 6.23 -15.79
N THR A 165 -7.80 7.27 -16.60
CA THR A 165 -6.70 7.87 -17.34
C THR A 165 -5.62 8.23 -16.32
N PRO A 166 -4.32 8.06 -16.69
CA PRO A 166 -3.75 7.54 -17.94
C PRO A 166 -3.47 6.05 -17.89
N PHE A 167 -4.31 5.29 -17.21
CA PHE A 167 -4.13 3.85 -17.11
C PHE A 167 -5.30 3.10 -17.70
N LYS A 168 -6.03 3.73 -18.61
CA LYS A 168 -7.21 3.12 -19.19
C LYS A 168 -6.86 1.86 -19.98
N GLU A 169 -6.06 2.00 -21.03
CA GLU A 169 -5.72 0.84 -21.84
C GLU A 169 -4.94 -0.20 -21.04
N ILE A 170 -4.05 0.27 -20.17
CA ILE A 170 -3.25 -0.62 -19.33
C ILE A 170 -4.14 -1.52 -18.47
N THR A 171 -5.05 -0.90 -17.71
CA THR A 171 -5.88 -1.65 -16.78
C THR A 171 -6.88 -2.56 -17.51
N GLN A 172 -7.34 -2.11 -18.67
CA GLN A 172 -8.23 -2.91 -19.50
C GLN A 172 -7.56 -4.20 -19.95
N LYS A 173 -6.31 -4.08 -20.41
CA LYS A 173 -5.58 -5.22 -20.92
C LYS A 173 -5.19 -6.19 -19.81
N ILE A 174 -5.05 -5.69 -18.59
CA ILE A 174 -4.75 -6.53 -17.44
C ILE A 174 -5.96 -7.39 -17.08
N VAL A 175 -7.14 -6.78 -17.03
CA VAL A 175 -8.35 -7.54 -16.75
C VAL A 175 -8.52 -8.69 -17.75
N THR A 176 -8.32 -8.39 -19.02
CA THR A 176 -8.50 -9.39 -20.07
C THR A 176 -7.52 -10.55 -19.89
N GLU A 177 -6.26 -10.22 -19.64
CA GLU A 177 -5.21 -11.22 -19.55
C GLU A 177 -5.24 -12.05 -18.26
N TYR A 178 -5.69 -11.43 -17.17
CA TYR A 178 -5.69 -12.12 -15.89
C TYR A 178 -7.09 -12.35 -15.34
N GLN A 183 -7.97 -13.64 -9.68
CA GLN A 183 -9.06 -12.94 -9.01
C GLN A 183 -8.80 -11.44 -8.91
N ILE A 184 -8.69 -10.81 -10.08
CA ILE A 184 -8.48 -9.37 -10.20
C ILE A 184 -9.62 -8.61 -9.54
N TYR A 185 -9.27 -7.65 -8.68
CA TYR A 185 -10.23 -6.84 -7.94
C TYR A 185 -10.00 -5.38 -8.33
N PRO A 186 -10.75 -4.88 -9.32
CA PRO A 186 -10.54 -3.52 -9.83
C PRO A 186 -11.01 -2.42 -8.87
N ILE A 187 -10.21 -1.37 -8.70
CA ILE A 187 -10.66 -0.15 -8.00
C ILE A 187 -10.17 1.10 -8.70
N SER A 188 -11.06 2.07 -8.83
CA SER A 188 -10.75 3.35 -9.46
C SER A 188 -10.10 4.31 -8.46
N ASN A 189 -9.74 5.50 -8.94
CA ASN A 189 -9.10 6.50 -8.08
C ASN A 189 -9.94 6.95 -6.89
N HIS A 190 -11.26 6.90 -7.03
CA HIS A 190 -12.13 7.34 -5.94
C HIS A 190 -12.82 6.19 -5.21
N GLU A 191 -12.27 4.99 -5.37
CA GLU A 191 -12.74 3.82 -4.62
C GLU A 191 -11.69 3.38 -3.60
N ALA A 192 -12.16 2.82 -2.49
CA ALA A 192 -11.28 2.20 -1.51
C ALA A 192 -11.86 0.86 -1.14
N ILE A 193 -11.03 -0.06 -0.67
CA ILE A 193 -11.49 -1.35 -0.19
C ILE A 193 -11.27 -1.40 1.33
N PHE A 194 -12.37 -1.57 2.06
CA PHE A 194 -12.35 -1.70 3.52
C PHE A 194 -12.24 -3.18 3.83
N ILE A 195 -11.19 -3.55 4.57
CA ILE A 195 -11.02 -4.95 4.96
C ILE A 195 -10.89 -5.07 6.47
N ARG A 196 -11.85 -5.77 7.06
CA ARG A 196 -11.85 -6.09 8.49
C ARG A 196 -12.07 -7.60 8.61
N GLY A 197 -10.98 -8.34 8.73
CA GLY A 197 -11.05 -9.79 8.74
C GLY A 197 -11.58 -10.30 7.40
N LYS A 198 -12.65 -11.10 7.47
CA LYS A 198 -13.27 -11.63 6.26
C LYS A 198 -14.23 -10.64 5.63
N GLU A 199 -14.47 -9.51 6.29
CA GLU A 199 -15.40 -8.51 5.78
C GLU A 199 -14.69 -7.58 4.81
N VAL A 200 -15.00 -7.72 3.53
CA VAL A 200 -14.39 -6.94 2.45
C VAL A 200 -15.45 -6.13 1.70
N ILE A 201 -15.29 -4.81 1.74
CA ILE A 201 -16.31 -3.92 1.19
C ILE A 201 -15.67 -2.81 0.34
N THR A 202 -16.12 -2.68 -0.90
CA THR A 202 -15.72 -1.55 -1.71
C THR A 202 -16.63 -0.36 -1.44
N LYS A 203 -16.02 0.82 -1.30
CA LYS A 203 -16.75 2.06 -1.15
C LYS A 203 -16.26 3.07 -2.18
N ARG A 204 -17.15 3.93 -2.64
CA ARG A 204 -16.79 4.94 -3.64
C ARG A 204 -17.20 6.31 -3.15
N LEU A 205 -16.32 7.27 -3.34
CA LEU A 205 -16.58 8.65 -2.96
C LEU A 205 -17.15 9.38 -4.16
N SER A 206 -18.40 9.83 -4.06
CA SER A 206 -19.03 10.55 -5.15
C SER A 206 -20.25 11.32 -4.67
#